data_6C61
#
_entry.id   6C61
#
_cell.length_a   128.023
_cell.length_b   43.630
_cell.length_c   98.373
_cell.angle_alpha   90.00
_cell.angle_beta   125.85
_cell.angle_gamma   90.00
#
_symmetry.space_group_name_H-M   'C 1 2 1'
#
loop_
_entity.id
_entity.type
_entity.pdbx_description
1 polymer 'T-cell receptor alpha  chain'
2 polymer 'T-cell receptor beta chain'
3 water water
#
loop_
_entity_poly.entity_id
_entity_poly.type
_entity_poly.pdbx_seq_one_letter_code
_entity_poly.pdbx_strand_id
1 'polypeptide(L)'
;MDSVTQTEGPVTVSESDSLIINCTYSATSIAYPNFFWYVRYPGEGLQLLLKVITAGQKGSSRGFEATYNKETTSFHLQKA
SVQESDSAVYYCALGIITGNTGKLIFGLGTTLQVQPDIQNPDPAVYQLRDSKSSDKSVCLFTDFDSQTNVSQSKDSDVYI
TDKCVLDMRSMDFKSNSAVAWSNKSDFACANAFNNSIIPEDTFFPSP
;
A
2 'polypeptide(L)'
;MKVIQTPRYLVKGQGQKAKMRCIPEKGHPVVFWYQQNKNNEFKFLINFQNQEVLQQIDMTEKRFSAECPSNSPCSLEIQS
SEAGDSALYLCASSPGQGAATGQLYFGEGSKLTVLEDLRNVFPPEVAVFEPSEAEISHTQKATLVCLATGFYPDHVELSW
WVNGKEVHSGVCTDPQPLKEQPALNDSRYALSSRLRVSATFWQNPRNHFRCQVQFYGLSENDEWTQDRAKPVTQIVSAEA
WGRAD
;
B
#
# COMPACT_ATOMS: atom_id res chain seq x y z
N ASP A 2 24.22 -9.51 16.50
CA ASP A 2 24.39 -9.26 15.07
C ASP A 2 23.13 -8.61 14.48
N SER A 3 23.10 -7.25 14.47
CA SER A 3 21.92 -6.48 14.09
C SER A 3 22.09 -5.11 13.38
N VAL A 4 20.95 -4.47 13.10
CA VAL A 4 20.82 -3.19 12.40
C VAL A 4 19.83 -2.31 13.16
N THR A 5 20.19 -1.03 13.35
CA THR A 5 19.29 -0.04 14.01
C THR A 5 19.15 1.15 13.06
N GLN A 6 17.94 1.69 12.93
CA GLN A 6 17.68 2.84 12.04
C GLN A 6 16.64 3.78 12.62
N THR A 7 16.57 5.04 12.15
CA THR A 7 15.59 6.03 12.67
C THR A 7 14.16 5.48 12.71
N GLU A 8 13.50 5.62 13.87
CA GLU A 8 12.17 5.07 14.14
C GLU A 8 11.17 5.67 13.18
N GLY A 9 11.09 7.00 13.20
CA GLY A 9 10.17 7.74 12.35
C GLY A 9 8.74 7.53 12.80
N PRO A 10 7.72 7.75 11.93
CA PRO A 10 7.80 8.21 10.52
C PRO A 10 8.47 9.57 10.32
N VAL A 11 9.06 9.76 9.15
CA VAL A 11 9.74 11.00 8.82
C VAL A 11 8.94 11.75 7.76
N THR A 12 8.31 12.85 8.18
CA THR A 12 7.52 13.70 7.30
C THR A 12 8.41 14.87 6.96
N VAL A 13 8.59 15.15 5.67
CA VAL A 13 9.43 16.25 5.24
C VAL A 13 8.90 16.98 3.97
N SER A 14 9.27 18.27 3.81
CA SER A 14 8.81 19.10 2.69
C SER A 14 9.60 18.80 1.41
N GLU A 15 8.93 18.89 0.25
CA GLU A 15 9.54 18.64 -1.06
C GLU A 15 10.73 19.60 -1.26
N SER A 16 11.86 19.07 -1.79
CA SER A 16 13.13 19.79 -2.03
C SER A 16 14.07 19.88 -0.83
N ASP A 17 13.58 19.51 0.37
CA ASP A 17 14.38 19.49 1.60
C ASP A 17 15.40 18.36 1.62
N SER A 18 16.45 18.51 2.43
CA SER A 18 17.52 17.53 2.61
C SER A 18 17.02 16.41 3.50
N LEU A 19 17.60 15.22 3.41
CA LEU A 19 17.13 14.09 4.19
C LEU A 19 18.26 13.17 4.64
N ILE A 20 18.28 12.83 5.93
CA ILE A 20 19.20 11.84 6.50
C ILE A 20 18.39 10.78 7.19
N ILE A 21 18.62 9.49 6.80
CA ILE A 21 18.05 8.34 7.51
C ILE A 21 19.25 7.63 8.08
N ASN A 22 19.32 7.58 9.40
CA ASN A 22 20.40 6.93 10.13
C ASN A 22 20.26 5.46 10.14
N CYS A 23 21.39 4.79 10.09
CA CYS A 23 21.55 3.36 10.23
C CYS A 23 22.89 3.06 10.87
N THR A 24 22.83 2.35 11.98
CA THR A 24 24.00 1.84 12.70
C THR A 24 23.88 0.32 12.70
N TYR A 25 24.99 -0.38 12.51
CA TYR A 25 24.99 -1.83 12.49
C TYR A 25 25.93 -2.42 13.54
N SER A 26 25.58 -3.59 14.08
CA SER A 26 26.43 -4.35 15.01
C SER A 26 26.68 -5.69 14.35
N ALA A 27 27.95 -5.93 13.96
CA ALA A 27 28.36 -7.16 13.27
C ALA A 27 29.29 -8.00 14.12
N THR A 28 28.71 -8.87 14.95
CA THR A 28 29.47 -9.76 15.84
C THR A 28 30.06 -10.95 15.07
N SER A 29 29.37 -11.40 14.01
CA SER A 29 29.76 -12.55 13.21
C SER A 29 31.02 -12.28 12.45
N ILE A 30 30.98 -11.36 11.48
CA ILE A 30 32.20 -10.99 10.77
C ILE A 30 32.47 -9.52 11.01
N ALA A 31 33.74 -9.09 10.82
CA ALA A 31 34.19 -7.71 11.02
C ALA A 31 33.42 -6.76 10.10
N TYR A 32 33.56 -6.96 8.78
CA TYR A 32 32.98 -6.13 7.73
C TYR A 32 31.94 -6.82 6.86
N PRO A 33 30.64 -6.67 7.20
CA PRO A 33 29.59 -7.28 6.36
C PRO A 33 29.27 -6.50 5.08
N ASN A 34 28.32 -6.98 4.26
CA ASN A 34 27.91 -6.26 3.06
C ASN A 34 26.76 -5.33 3.41
N PHE A 35 26.81 -4.10 2.92
CA PHE A 35 25.77 -3.10 3.23
C PHE A 35 24.75 -2.78 2.21
N PHE A 36 23.45 -2.70 2.63
CA PHE A 36 22.31 -2.46 1.73
C PHE A 36 21.25 -1.52 2.24
N TRP A 37 20.61 -0.82 1.29
CA TRP A 37 19.38 -0.08 1.52
C TRP A 37 18.37 -0.60 0.52
N TYR A 38 17.21 -1.03 1.03
CA TYR A 38 16.06 -1.50 0.27
C TYR A 38 14.96 -0.48 0.39
N VAL A 39 14.14 -0.39 -0.63
CA VAL A 39 13.05 0.57 -0.66
C VAL A 39 11.73 -0.08 -1.08
N ARG A 40 10.67 0.17 -0.34
CA ARG A 40 9.35 -0.36 -0.71
C ARG A 40 8.48 0.82 -1.05
N TYR A 41 8.28 1.08 -2.38
CA TYR A 41 7.44 2.16 -2.88
C TYR A 41 5.97 1.82 -2.66
N PRO A 42 5.07 2.82 -2.41
CA PRO A 42 3.67 2.49 -2.08
C PRO A 42 2.98 1.60 -3.10
N GLY A 43 2.46 0.48 -2.63
CA GLY A 43 1.79 -0.51 -3.46
C GLY A 43 2.69 -1.18 -4.49
N GLU A 44 3.97 -1.36 -4.13
CA GLU A 44 4.99 -2.02 -4.95
C GLU A 44 5.80 -3.02 -4.11
N GLY A 45 6.66 -3.79 -4.76
CA GLY A 45 7.52 -4.79 -4.12
C GLY A 45 8.86 -4.24 -3.68
N LEU A 46 9.43 -4.86 -2.61
CA LEU A 46 10.72 -4.49 -2.04
C LEU A 46 11.83 -4.55 -3.09
N GLN A 47 12.67 -3.53 -3.11
CA GLN A 47 13.73 -3.49 -4.11
C GLN A 47 15.04 -2.86 -3.66
N LEU A 48 16.17 -3.28 -4.28
CA LEU A 48 17.44 -2.70 -3.89
C LEU A 48 17.59 -1.24 -4.31
N LEU A 49 17.82 -0.35 -3.32
CA LEU A 49 18.04 1.07 -3.55
C LEU A 49 19.53 1.20 -3.88
N LEU A 50 20.41 0.84 -2.94
CA LEU A 50 21.87 0.87 -3.16
C LEU A 50 22.58 -0.15 -2.28
N LYS A 51 23.85 -0.46 -2.63
CA LYS A 51 24.69 -1.39 -1.90
C LYS A 51 26.15 -0.93 -1.89
N VAL A 52 26.89 -1.38 -0.87
CA VAL A 52 28.30 -1.17 -0.66
C VAL A 52 28.76 -2.47 -0.10
N ILE A 53 29.58 -3.17 -0.89
CA ILE A 53 30.13 -4.47 -0.60
C ILE A 53 31.63 -4.37 -0.30
N THR A 54 32.11 -3.13 -0.11
CA THR A 54 33.50 -2.83 0.22
C THR A 54 33.49 -1.74 1.26
N ALA A 55 33.91 -2.10 2.48
CA ALA A 55 34.01 -1.16 3.59
C ALA A 55 34.81 0.10 3.23
N GLY A 56 34.39 1.25 3.76
CA GLY A 56 35.03 2.54 3.52
C GLY A 56 34.56 3.29 2.28
N GLN A 57 33.91 2.57 1.36
CA GLN A 57 33.40 3.11 0.09
C GLN A 57 31.97 3.64 0.23
N LYS A 58 31.49 4.24 -0.86
CA LYS A 58 30.13 4.74 -0.90
C LYS A 58 29.33 4.21 -2.07
N GLY A 59 28.00 4.25 -1.94
CA GLY A 59 27.04 3.80 -2.96
C GLY A 59 26.05 4.89 -3.29
N SER A 60 25.62 4.98 -4.57
CA SER A 60 24.68 5.99 -5.04
C SER A 60 23.56 5.49 -5.98
N SER A 61 22.35 6.08 -5.86
CA SER A 61 21.18 5.76 -6.69
C SER A 61 20.01 6.64 -6.35
N ARG A 62 19.29 7.11 -7.40
CA ARG A 62 18.09 7.96 -7.32
C ARG A 62 18.32 9.23 -6.52
N GLY A 63 19.55 9.75 -6.59
CA GLY A 63 20.01 10.93 -5.86
C GLY A 63 20.36 10.65 -4.41
N PHE A 64 20.30 9.36 -3.99
CA PHE A 64 20.65 8.96 -2.61
C PHE A 64 22.08 8.52 -2.58
N GLU A 65 22.74 8.74 -1.45
CA GLU A 65 24.11 8.27 -1.23
C GLU A 65 24.28 7.82 0.19
N ALA A 66 25.09 6.80 0.40
CA ALA A 66 25.42 6.24 1.71
C ALA A 66 26.87 5.88 1.70
N THR A 67 27.56 6.15 2.80
CA THR A 67 28.96 5.79 2.94
C THR A 67 29.07 4.68 3.97
N TYR A 68 29.78 3.61 3.59
CA TYR A 68 30.04 2.48 4.49
C TYR A 68 31.14 3.03 5.37
N ASN A 69 30.78 3.51 6.55
CA ASN A 69 31.78 4.06 7.44
C ASN A 69 32.18 3.06 8.52
N LYS A 70 33.37 2.43 8.39
CA LYS A 70 33.97 1.48 9.36
C LYS A 70 34.14 2.05 10.80
N GLU A 71 34.57 3.33 10.94
CA GLU A 71 34.80 3.95 12.25
C GLU A 71 33.55 4.21 13.07
N THR A 72 32.50 4.71 12.45
CA THR A 72 31.25 5.01 13.14
C THR A 72 30.29 3.83 13.09
N THR A 73 30.64 2.74 12.33
CA THR A 73 29.80 1.52 12.18
C THR A 73 28.41 1.92 11.64
N SER A 74 28.42 2.74 10.61
CA SER A 74 27.18 3.32 10.11
C SER A 74 27.01 3.30 8.58
N PHE A 75 25.74 3.44 8.11
CA PHE A 75 25.35 3.46 6.69
C PHE A 75 24.21 4.43 6.48
N HIS A 76 24.40 5.65 6.95
CA HIS A 76 23.38 6.70 6.88
C HIS A 76 23.02 6.98 5.43
N LEU A 77 21.73 7.11 5.17
CA LEU A 77 21.20 7.42 3.84
C LEU A 77 21.02 8.89 3.77
N GLN A 78 21.51 9.50 2.72
CA GLN A 78 21.31 10.93 2.53
C GLN A 78 20.93 11.30 1.10
N LYS A 79 20.13 12.38 0.97
CA LYS A 79 19.62 12.99 -0.26
C LYS A 79 19.40 14.47 0.04
N ALA A 80 20.07 15.36 -0.74
CA ALA A 80 20.01 16.82 -0.59
C ALA A 80 18.67 17.47 -0.94
N SER A 81 17.99 17.00 -1.99
CA SER A 81 16.68 17.56 -2.38
C SER A 81 15.66 16.43 -2.50
N VAL A 82 14.81 16.25 -1.51
CA VAL A 82 13.83 15.17 -1.57
C VAL A 82 12.63 15.43 -2.52
N GLN A 83 12.18 14.40 -3.26
CA GLN A 83 11.01 14.53 -4.13
C GLN A 83 9.83 13.68 -3.60
N GLU A 84 8.58 14.01 -4.02
CA GLU A 84 7.35 13.34 -3.58
C GLU A 84 7.32 11.84 -3.83
N SER A 85 7.82 11.40 -4.98
CA SER A 85 7.92 9.99 -5.36
C SER A 85 8.99 9.21 -4.50
N ASP A 86 9.71 9.91 -3.60
CA ASP A 86 10.67 9.24 -2.71
C ASP A 86 9.95 8.73 -1.48
N SER A 87 8.66 9.07 -1.32
CA SER A 87 7.82 8.62 -0.20
C SER A 87 7.68 7.11 -0.31
N ALA A 88 8.20 6.40 0.69
CA ALA A 88 8.26 4.94 0.73
C ALA A 88 8.75 4.50 2.10
N VAL A 89 8.98 3.19 2.26
CA VAL A 89 9.55 2.59 3.46
C VAL A 89 10.93 2.16 3.07
N TYR A 90 11.87 2.59 3.88
CA TYR A 90 13.28 2.37 3.65
C TYR A 90 13.81 1.38 4.68
N TYR A 91 14.57 0.38 4.23
CA TYR A 91 15.14 -0.59 5.14
C TYR A 91 16.61 -0.69 4.96
N CYS A 92 17.35 -0.53 6.05
CA CYS A 92 18.77 -0.76 6.12
C CYS A 92 18.88 -2.27 6.40
N ALA A 93 19.81 -2.89 5.72
CA ALA A 93 20.08 -4.30 5.76
C ALA A 93 21.57 -4.60 5.80
N LEU A 94 21.86 -5.77 6.36
CA LEU A 94 23.18 -6.30 6.58
C LEU A 94 23.29 -7.70 5.90
N GLY A 95 24.26 -7.85 5.01
CA GLY A 95 24.48 -9.12 4.33
C GLY A 95 25.75 -9.84 4.73
N ILE A 96 25.62 -10.98 5.42
CA ILE A 96 26.80 -11.72 5.86
C ILE A 96 26.67 -13.15 5.36
N ILE A 97 27.75 -13.75 4.84
CA ILE A 97 27.54 -15.07 4.37
C ILE A 97 28.03 -16.06 5.33
N THR A 98 27.32 -17.11 5.57
CA THR A 98 27.81 -18.07 6.48
C THR A 98 27.26 -19.39 6.23
N GLY A 99 28.07 -20.40 6.43
CA GLY A 99 27.63 -21.74 6.23
C GLY A 99 27.42 -21.91 4.76
N ASN A 100 28.06 -21.09 3.99
CA ASN A 100 27.93 -21.14 2.56
C ASN A 100 26.64 -20.62 2.07
N THR A 101 25.81 -20.13 2.95
CA THR A 101 24.60 -19.58 2.44
C THR A 101 24.49 -18.19 2.95
N GLY A 102 23.93 -17.34 2.13
CA GLY A 102 23.77 -15.97 2.44
C GLY A 102 22.84 -15.75 3.56
N LYS A 103 22.99 -14.64 4.23
CA LYS A 103 22.12 -14.34 5.28
C LYS A 103 21.93 -12.86 5.23
N LEU A 104 20.76 -12.42 5.59
CA LEU A 104 20.38 -11.03 5.48
C LEU A 104 19.53 -10.54 6.64
N ILE A 105 20.06 -9.55 7.39
CA ILE A 105 19.34 -9.01 8.52
C ILE A 105 18.87 -7.56 8.25
N PHE A 106 17.58 -7.34 8.40
CA PHE A 106 16.90 -6.07 8.14
C PHE A 106 16.65 -5.27 9.38
N GLY A 107 16.60 -3.95 9.18
CA GLY A 107 16.23 -3.01 10.23
C GLY A 107 14.73 -2.97 10.24
N LEU A 108 14.14 -2.28 11.24
CA LEU A 108 12.69 -2.15 11.42
C LEU A 108 12.02 -1.43 10.24
N GLY A 109 12.71 -0.47 9.66
CA GLY A 109 12.17 0.25 8.52
C GLY A 109 11.74 1.65 8.87
N THR A 110 12.11 2.62 8.05
CA THR A 110 11.68 4.00 8.29
C THR A 110 10.72 4.40 7.20
N THR A 111 9.58 4.96 7.58
CA THR A 111 8.57 5.44 6.65
C THR A 111 8.85 6.92 6.37
N LEU A 112 9.05 7.25 5.09
CA LEU A 112 9.32 8.61 4.69
C LEU A 112 8.10 9.13 3.97
N GLN A 113 7.63 10.29 4.41
CA GLN A 113 6.50 10.94 3.79
C GLN A 113 6.98 12.34 3.33
N VAL A 114 7.05 12.52 2.01
CA VAL A 114 7.48 13.79 1.45
C VAL A 114 6.31 14.58 0.90
N GLN A 115 5.93 15.63 1.66
CA GLN A 115 4.82 16.56 1.41
C GLN A 115 5.15 17.44 0.23
N PRO A 116 4.30 17.43 -0.81
CA PRO A 116 4.56 18.32 -1.96
C PRO A 116 4.27 19.79 -1.64
N ASP A 117 4.95 20.73 -2.32
CA ASP A 117 4.62 22.13 -2.07
C ASP A 117 3.58 22.55 -3.08
N ILE A 118 2.42 22.94 -2.58
CA ILE A 118 1.31 23.38 -3.42
C ILE A 118 1.48 24.88 -3.56
N GLN A 119 1.84 25.33 -4.78
CA GLN A 119 2.15 26.72 -5.06
C GLN A 119 1.00 27.69 -5.03
N ASN A 120 -0.17 27.30 -5.59
CA ASN A 120 -1.36 28.14 -5.60
C ASN A 120 -2.60 27.39 -5.03
N PRO A 121 -2.66 27.26 -3.68
CA PRO A 121 -3.77 26.51 -3.07
C PRO A 121 -5.08 27.29 -2.96
N ASP A 122 -6.20 26.66 -3.36
CA ASP A 122 -7.52 27.20 -3.15
C ASP A 122 -8.37 26.16 -2.40
N PRO A 123 -8.22 26.11 -1.05
CA PRO A 123 -8.99 25.15 -0.26
C PRO A 123 -10.47 25.30 -0.48
N ALA A 124 -11.12 24.20 -0.78
CA ALA A 124 -12.53 24.22 -1.07
C ALA A 124 -13.20 22.92 -0.65
N VAL A 125 -14.47 23.02 -0.25
CA VAL A 125 -15.30 21.89 0.13
C VAL A 125 -16.44 21.78 -0.85
N TYR A 126 -16.55 20.66 -1.57
CA TYR A 126 -17.61 20.50 -2.56
C TYR A 126 -18.52 19.37 -2.27
N GLN A 127 -19.78 19.49 -2.69
CA GLN A 127 -20.76 18.42 -2.58
C GLN A 127 -20.91 17.75 -3.93
N LEU A 128 -20.72 16.44 -3.94
CA LEU A 128 -20.82 15.59 -5.13
C LEU A 128 -22.05 14.72 -4.99
N ARG A 129 -22.82 14.57 -6.08
CA ARG A 129 -24.02 13.75 -6.10
C ARG A 129 -23.76 12.41 -6.75
N ASP A 130 -24.56 11.37 -6.41
CA ASP A 130 -24.41 10.02 -6.97
C ASP A 130 -24.85 9.96 -8.43
N SER A 131 -24.04 9.27 -9.26
CA SER A 131 -24.28 9.05 -10.69
C SER A 131 -25.59 8.27 -10.93
N LYS A 132 -25.93 7.33 -10.04
CA LYS A 132 -27.18 6.59 -10.22
C LYS A 132 -28.25 6.91 -9.16
N SER A 133 -28.16 6.22 -8.03
CA SER A 133 -29.05 6.41 -6.89
C SER A 133 -28.63 7.60 -6.04
N SER A 134 -29.40 7.81 -4.97
CA SER A 134 -29.29 8.98 -4.07
C SER A 134 -28.94 8.66 -2.58
N ASP A 135 -28.63 7.41 -2.24
CA ASP A 135 -28.61 6.96 -0.84
C ASP A 135 -27.89 7.89 0.15
N LYS A 136 -26.68 8.32 -0.15
CA LYS A 136 -26.03 9.38 0.62
C LYS A 136 -25.49 10.46 -0.33
N SER A 137 -24.75 11.40 0.26
CA SER A 137 -24.00 12.40 -0.48
C SER A 137 -22.58 12.40 0.06
N VAL A 138 -21.64 12.70 -0.83
CA VAL A 138 -20.24 12.78 -0.55
C VAL A 138 -19.75 14.22 -0.62
N CYS A 139 -18.82 14.57 0.24
CA CYS A 139 -18.16 15.88 0.27
C CYS A 139 -16.72 15.68 -0.03
N LEU A 140 -16.15 16.63 -0.69
CA LEU A 140 -14.76 16.58 -1.03
C LEU A 140 -14.09 17.87 -0.61
N PHE A 141 -13.08 17.77 0.23
CA PHE A 141 -12.23 18.90 0.65
C PHE A 141 -10.99 18.69 -0.16
N THR A 142 -10.67 19.66 -1.01
CA THR A 142 -9.54 19.56 -1.94
C THR A 142 -8.76 20.87 -2.09
N ASP A 143 -7.57 20.80 -2.76
CA ASP A 143 -6.73 21.94 -3.11
C ASP A 143 -6.18 22.73 -1.94
N PHE A 144 -6.12 22.09 -0.76
CA PHE A 144 -5.56 22.70 0.42
C PHE A 144 -4.03 22.47 0.39
N ASP A 145 -3.29 23.31 1.16
CA ASP A 145 -1.84 23.20 1.33
C ASP A 145 -1.52 21.94 2.15
N SER A 146 -0.27 21.44 2.00
CA SER A 146 0.26 20.25 2.66
C SER A 146 0.39 20.37 4.18
N GLN A 147 0.48 21.59 4.72
CA GLN A 147 0.57 21.72 6.18
C GLN A 147 -0.74 21.30 6.84
N THR A 148 -1.91 21.47 6.13
CA THR A 148 -3.24 21.09 6.64
C THR A 148 -3.39 19.58 6.76
N ASN A 149 -3.85 19.14 7.93
CA ASN A 149 -4.17 17.77 8.26
C ASN A 149 -5.65 17.62 8.48
N VAL A 150 -6.18 16.53 7.95
CA VAL A 150 -7.56 16.15 7.98
C VAL A 150 -7.80 15.23 9.18
N SER A 151 -8.59 15.68 10.13
CA SER A 151 -8.84 14.87 11.30
C SER A 151 -9.95 13.86 11.05
N GLN A 152 -9.78 12.66 11.62
CA GLN A 152 -10.72 11.53 11.56
C GLN A 152 -12.05 11.88 12.24
N SER A 153 -13.11 11.17 11.86
CA SER A 153 -14.45 11.37 12.39
C SER A 153 -14.52 11.04 13.87
N LYS A 154 -15.42 11.72 14.57
CA LYS A 154 -15.66 11.50 15.98
C LYS A 154 -17.01 10.81 16.12
N ASP A 155 -18.00 11.19 15.27
CA ASP A 155 -19.31 10.55 15.24
C ASP A 155 -19.20 9.30 14.36
N SER A 156 -19.60 8.13 14.90
CA SER A 156 -19.56 6.80 14.25
C SER A 156 -20.45 6.65 12.99
N ASP A 157 -21.30 7.66 12.71
CA ASP A 157 -22.17 7.65 11.53
C ASP A 157 -21.59 8.42 10.33
N VAL A 158 -20.44 9.13 10.52
CA VAL A 158 -19.73 9.96 9.55
C VAL A 158 -18.38 9.33 9.23
N TYR A 159 -18.06 9.27 7.96
CA TYR A 159 -16.79 8.68 7.51
C TYR A 159 -16.00 9.74 6.80
N ILE A 160 -14.81 10.01 7.32
CA ILE A 160 -13.84 11.01 6.84
C ILE A 160 -12.54 10.31 6.53
N THR A 161 -12.11 10.34 5.28
CA THR A 161 -10.83 9.73 4.90
C THR A 161 -9.68 10.71 5.19
N ASP A 162 -8.45 10.20 5.21
CA ASP A 162 -7.27 11.04 5.36
C ASP A 162 -6.91 11.61 3.98
N LYS A 163 -6.15 12.70 3.94
CA LYS A 163 -5.74 13.34 2.70
C LYS A 163 -4.90 12.42 1.81
N CYS A 164 -5.07 12.55 0.49
CA CYS A 164 -4.20 11.86 -0.45
C CYS A 164 -3.84 12.80 -1.60
N VAL A 165 -2.58 12.68 -2.10
CA VAL A 165 -2.00 13.51 -3.16
C VAL A 165 -2.20 12.93 -4.56
N LEU A 166 -2.96 13.67 -5.38
CA LEU A 166 -3.33 13.40 -6.78
C LEU A 166 -2.36 14.18 -7.69
N ASP A 167 -1.94 13.57 -8.81
CA ASP A 167 -1.06 14.24 -9.75
C ASP A 167 -1.54 14.04 -11.19
N MET A 168 -1.99 15.15 -11.82
CA MET A 168 -2.46 15.12 -13.21
C MET A 168 -1.18 15.14 -14.07
N ARG A 169 -0.98 14.08 -14.90
CA ARG A 169 0.25 13.93 -15.69
C ARG A 169 0.40 14.83 -16.92
N SER A 170 -0.65 15.59 -17.28
CA SER A 170 -0.61 16.58 -18.41
C SER A 170 0.18 17.90 -18.17
N MET A 171 -0.13 18.60 -17.08
CA MET A 171 0.68 19.68 -16.51
C MET A 171 1.09 19.17 -15.13
N ASP A 172 2.13 19.75 -14.54
CA ASP A 172 2.57 19.29 -13.24
C ASP A 172 1.67 19.88 -12.16
N PHE A 173 0.41 19.45 -12.22
CA PHE A 173 -0.62 19.81 -11.25
C PHE A 173 -0.81 18.73 -10.15
N LYS A 174 -0.46 19.13 -8.92
CA LYS A 174 -0.57 18.29 -7.72
C LYS A 174 -1.66 18.86 -6.85
N SER A 175 -2.39 18.00 -6.12
CA SER A 175 -3.43 18.47 -5.21
C SER A 175 -3.76 17.46 -4.15
N ASN A 176 -3.96 17.95 -2.92
CA ASN A 176 -4.35 17.13 -1.79
C ASN A 176 -5.85 17.09 -1.75
N SER A 177 -6.42 15.99 -1.23
CA SER A 177 -7.85 15.88 -1.05
C SER A 177 -8.29 14.89 0.01
N ALA A 178 -9.43 15.15 0.63
CA ALA A 178 -10.03 14.21 1.53
C ALA A 178 -11.54 14.10 1.20
N VAL A 179 -12.10 12.92 1.42
CA VAL A 179 -13.53 12.66 1.19
C VAL A 179 -14.27 12.49 2.56
N ALA A 180 -15.49 13.00 2.66
CA ALA A 180 -16.33 12.79 3.84
C ALA A 180 -17.76 12.41 3.40
N TRP A 181 -18.38 11.44 4.07
CA TRP A 181 -19.77 11.07 3.77
C TRP A 181 -20.55 10.61 4.98
N SER A 182 -21.87 10.49 4.81
CA SER A 182 -22.80 10.10 5.84
C SER A 182 -24.23 9.94 5.30
N ASN A 183 -25.04 9.14 6.03
CA ASN A 183 -26.46 8.91 5.78
C ASN A 183 -27.26 9.53 6.93
N LYS A 184 -26.56 9.88 8.01
CA LYS A 184 -27.07 10.49 9.22
C LYS A 184 -27.66 11.83 8.81
N SER A 185 -28.97 11.99 9.06
CA SER A 185 -29.77 13.17 8.72
C SER A 185 -29.16 14.45 9.29
N ASP A 186 -29.40 15.59 8.64
CA ASP A 186 -28.88 16.88 9.09
C ASP A 186 -27.30 16.98 8.99
N PHE A 187 -26.72 16.17 8.08
CA PHE A 187 -25.30 16.16 7.76
C PHE A 187 -25.11 17.07 6.55
N ALA A 188 -24.31 18.12 6.75
CA ALA A 188 -23.98 19.11 5.74
C ALA A 188 -22.51 19.04 5.42
N CYS A 189 -22.14 19.38 4.16
CA CYS A 189 -20.76 19.44 3.68
C CYS A 189 -20.07 20.63 4.30
N ALA A 190 -20.84 21.67 4.62
CA ALA A 190 -20.38 22.86 5.28
C ALA A 190 -20.00 22.57 6.78
N ASN A 191 -20.37 21.42 7.33
CA ASN A 191 -19.90 21.06 8.68
C ASN A 191 -19.02 19.81 8.70
N ALA A 192 -19.08 19.00 7.64
CA ALA A 192 -18.36 17.71 7.51
C ALA A 192 -16.94 17.63 8.08
N PHE A 193 -16.10 18.63 7.76
CA PHE A 193 -14.68 18.77 8.04
C PHE A 193 -14.44 19.81 9.08
N ASN A 194 -15.48 20.23 9.79
CA ASN A 194 -15.26 21.26 10.80
C ASN A 194 -14.45 20.80 12.03
N ASN A 195 -14.28 19.45 12.26
CA ASN A 195 -13.46 19.01 13.39
C ASN A 195 -11.97 19.06 13.13
N SER A 196 -11.59 19.46 11.90
CA SER A 196 -10.23 19.70 11.47
C SER A 196 -9.92 21.19 11.59
N ILE A 197 -8.64 21.54 11.49
CA ILE A 197 -8.21 22.93 11.53
C ILE A 197 -8.09 23.32 10.07
N ILE A 198 -9.21 23.77 9.52
CA ILE A 198 -9.23 24.15 8.11
C ILE A 198 -8.85 25.60 7.81
N PRO A 199 -8.15 25.87 6.68
CA PRO A 199 -7.75 27.26 6.38
C PRO A 199 -8.89 28.28 6.50
N GLU A 200 -8.66 29.46 7.13
CA GLU A 200 -9.77 30.45 7.30
C GLU A 200 -10.39 30.93 5.98
N ASP A 201 -9.61 30.94 4.89
CA ASP A 201 -10.04 31.31 3.53
C ASP A 201 -10.78 30.20 2.70
N THR A 202 -10.97 28.98 3.27
CA THR A 202 -11.65 27.84 2.62
C THR A 202 -12.99 28.24 2.01
N PHE A 203 -13.16 27.90 0.73
CA PHE A 203 -14.34 28.19 -0.05
C PHE A 203 -15.42 27.15 0.14
N PHE A 204 -16.54 27.58 0.71
CA PHE A 204 -17.72 26.75 0.94
C PHE A 204 -18.81 27.24 0.02
N PRO A 205 -18.92 26.72 -1.22
CA PRO A 205 -19.99 27.18 -2.11
C PRO A 205 -21.33 26.58 -1.69
N SER A 206 -22.43 27.12 -2.21
CA SER A 206 -23.73 26.54 -1.93
C SER A 206 -23.98 25.50 -3.03
N PRO A 207 -24.26 24.22 -2.67
CA PRO A 207 -24.47 23.17 -3.70
C PRO A 207 -25.71 23.34 -4.59
N LYS B 2 11.41 -9.98 -12.77
CA LYS B 2 10.53 -9.97 -11.60
C LYS B 2 10.17 -11.38 -11.07
N VAL B 3 10.12 -11.53 -9.74
CA VAL B 3 9.68 -12.78 -9.13
C VAL B 3 8.16 -12.72 -8.91
N ILE B 4 7.46 -13.84 -9.19
CA ILE B 4 5.99 -13.87 -9.12
C ILE B 4 5.43 -14.62 -7.94
N GLN B 5 4.56 -13.96 -7.16
CA GLN B 5 3.86 -14.56 -6.01
C GLN B 5 2.36 -14.51 -6.25
N THR B 6 1.70 -15.62 -5.97
CA THR B 6 0.28 -15.83 -6.17
C THR B 6 -0.26 -16.76 -5.08
N PRO B 7 -1.46 -16.51 -4.50
CA PRO B 7 -2.37 -15.35 -4.71
C PRO B 7 -1.86 -14.11 -3.97
N ARG B 8 -2.17 -12.91 -4.51
CA ARG B 8 -1.79 -11.61 -3.92
C ARG B 8 -2.41 -11.51 -2.54
N TYR B 9 -3.67 -11.95 -2.43
CA TYR B 9 -4.46 -11.96 -1.22
C TYR B 9 -5.08 -13.31 -1.00
N LEU B 10 -5.11 -13.73 0.27
CA LEU B 10 -5.70 -15.00 0.69
C LEU B 10 -6.52 -14.80 1.92
N VAL B 11 -7.74 -15.31 1.88
CA VAL B 11 -8.72 -15.31 2.97
C VAL B 11 -8.99 -16.79 3.27
N LYS B 12 -8.79 -17.18 4.53
CA LYS B 12 -9.00 -18.56 4.96
C LYS B 12 -9.59 -18.67 6.37
N GLY B 13 -10.35 -19.74 6.61
CA GLY B 13 -10.93 -20.03 7.90
C GLY B 13 -9.92 -20.66 8.85
N GLN B 14 -10.13 -20.50 10.18
CA GLN B 14 -9.30 -21.06 11.25
C GLN B 14 -9.17 -22.58 11.05
N GLY B 15 -7.95 -23.05 10.88
CA GLY B 15 -7.67 -24.47 10.68
C GLY B 15 -7.60 -24.93 9.24
N GLN B 16 -8.09 -24.12 8.27
CA GLN B 16 -8.01 -24.45 6.84
C GLN B 16 -6.58 -24.24 6.32
N LYS B 17 -6.15 -25.00 5.31
CA LYS B 17 -4.79 -24.85 4.77
C LYS B 17 -4.66 -23.60 3.86
N ALA B 18 -3.44 -23.04 3.79
CA ALA B 18 -3.10 -21.87 2.99
C ALA B 18 -1.90 -22.15 2.09
N LYS B 19 -2.17 -22.44 0.80
CA LYS B 19 -1.12 -22.73 -0.18
C LYS B 19 -0.74 -21.44 -0.90
N MET B 20 0.58 -21.14 -0.98
CA MET B 20 1.07 -19.94 -1.68
C MET B 20 2.18 -20.29 -2.61
N ARG B 21 2.11 -19.81 -3.83
CA ARG B 21 3.10 -20.13 -4.86
C ARG B 21 4.02 -18.97 -5.13
N CYS B 22 5.17 -19.26 -5.74
CA CYS B 22 6.18 -18.28 -6.08
C CYS B 22 7.03 -18.74 -7.28
N ILE B 23 7.25 -17.84 -8.25
CA ILE B 23 8.07 -18.15 -9.41
C ILE B 23 9.38 -17.33 -9.33
N PRO B 24 10.52 -17.98 -8.98
CA PRO B 24 11.80 -17.23 -8.92
C PRO B 24 12.19 -16.86 -10.34
N GLU B 25 13.07 -15.89 -10.53
CA GLU B 25 13.49 -15.52 -11.89
C GLU B 25 14.27 -16.68 -12.56
N LYS B 26 14.36 -16.71 -13.88
CA LYS B 26 14.71 -17.88 -14.69
C LYS B 26 15.91 -18.73 -14.37
N GLY B 27 17.02 -18.14 -14.10
CA GLY B 27 18.18 -18.94 -13.66
C GLY B 27 18.63 -18.61 -12.26
N HIS B 28 17.66 -18.57 -11.30
CA HIS B 28 17.89 -18.25 -9.88
C HIS B 28 17.60 -19.48 -9.05
N PRO B 29 18.64 -20.19 -8.54
CA PRO B 29 18.37 -21.39 -7.75
C PRO B 29 17.95 -21.15 -6.30
N VAL B 30 18.56 -20.16 -5.61
CA VAL B 30 18.21 -19.89 -4.20
C VAL B 30 16.95 -19.04 -4.04
N VAL B 31 16.03 -19.54 -3.22
CA VAL B 31 14.70 -19.00 -2.94
C VAL B 31 14.57 -18.81 -1.43
N PHE B 32 13.98 -17.70 -0.99
CA PHE B 32 13.82 -17.34 0.42
C PHE B 32 12.37 -17.03 0.76
N TRP B 33 11.92 -17.49 1.92
CA TRP B 33 10.59 -17.17 2.43
C TRP B 33 10.78 -16.31 3.67
N TYR B 34 9.94 -15.29 3.79
CA TYR B 34 9.98 -14.31 4.86
C TYR B 34 8.57 -14.00 5.26
N GLN B 35 8.37 -13.74 6.55
CA GLN B 35 7.08 -13.31 7.09
C GLN B 35 7.16 -11.83 7.55
N GLN B 36 6.42 -10.93 6.85
CA GLN B 36 6.35 -9.51 7.20
C GLN B 36 5.11 -9.28 8.04
N ASN B 37 5.33 -8.76 9.23
CA ASN B 37 4.30 -8.47 10.22
C ASN B 37 3.79 -7.04 10.06
N LYS B 38 2.77 -6.64 10.85
CA LYS B 38 2.16 -5.32 10.81
C LYS B 38 3.18 -4.19 11.04
N ASN B 39 4.17 -4.47 11.89
CA ASN B 39 5.18 -3.51 12.25
C ASN B 39 6.33 -3.37 11.33
N ASN B 40 6.10 -3.67 10.07
CA ASN B 40 7.05 -3.63 8.92
C ASN B 40 8.32 -4.45 9.20
N GLU B 41 8.18 -5.57 9.98
CA GLU B 41 9.30 -6.42 10.38
C GLU B 41 9.33 -7.76 9.66
N PHE B 42 10.46 -8.04 8.98
CA PHE B 42 10.68 -9.29 8.25
C PHE B 42 11.23 -10.35 9.17
N LYS B 43 10.76 -11.58 8.97
CA LYS B 43 11.14 -12.74 9.75
C LYS B 43 11.42 -13.86 8.76
N PHE B 44 12.66 -14.37 8.75
CA PHE B 44 13.07 -15.49 7.90
C PHE B 44 12.26 -16.71 8.29
N LEU B 45 11.87 -17.53 7.29
CA LEU B 45 11.09 -18.74 7.51
C LEU B 45 11.82 -19.97 6.99
N ILE B 46 12.24 -19.94 5.72
CA ILE B 46 12.95 -21.02 5.01
C ILE B 46 13.67 -20.50 3.74
N ASN B 47 14.71 -21.23 3.28
CA ASN B 47 15.40 -20.98 1.97
C ASN B 47 15.72 -22.35 1.32
N PHE B 48 15.48 -22.52 0.02
CA PHE B 48 15.71 -23.78 -0.73
C PHE B 48 16.75 -23.45 -1.80
N GLN B 49 17.81 -24.25 -1.97
CA GLN B 49 18.77 -24.02 -3.06
C GLN B 49 18.48 -25.24 -3.97
N ASN B 50 18.21 -25.02 -5.27
CA ASN B 50 17.76 -26.07 -6.16
C ASN B 50 16.55 -26.71 -5.50
N GLN B 51 16.51 -28.01 -5.39
CA GLN B 51 15.40 -28.64 -4.73
C GLN B 51 15.59 -28.80 -3.23
N GLU B 52 16.76 -28.48 -2.73
CA GLU B 52 17.01 -28.75 -1.33
C GLU B 52 17.03 -27.60 -0.33
N VAL B 53 16.34 -27.81 0.79
CA VAL B 53 16.23 -26.83 1.88
C VAL B 53 17.60 -26.61 2.49
N LEU B 54 17.97 -25.34 2.70
CA LEU B 54 19.25 -24.97 3.31
C LEU B 54 19.00 -24.80 4.81
N GLN B 55 18.27 -23.73 5.19
CA GLN B 55 17.88 -23.50 6.57
C GLN B 55 16.42 -23.14 6.72
N GLN B 56 15.84 -23.54 7.84
CA GLN B 56 14.45 -23.29 8.18
C GLN B 56 14.38 -22.91 9.64
N ILE B 57 13.41 -22.07 9.99
CA ILE B 57 13.26 -21.63 11.37
C ILE B 57 12.65 -22.75 12.25
N ASP B 58 12.69 -22.58 13.58
CA ASP B 58 12.09 -23.55 14.51
C ASP B 58 10.57 -23.51 14.31
N MET B 59 9.98 -24.70 14.11
CA MET B 59 8.56 -24.92 13.87
C MET B 59 7.68 -25.05 15.14
N THR B 60 8.26 -24.80 16.35
CA THR B 60 7.57 -24.86 17.67
C THR B 60 6.35 -23.91 17.69
N GLU B 61 6.53 -22.66 17.19
CA GLU B 61 5.52 -21.60 17.20
C GLU B 61 4.61 -21.56 15.96
N LYS B 62 5.08 -22.13 14.82
CA LYS B 62 4.33 -22.17 13.56
C LYS B 62 4.77 -23.34 12.68
N ARG B 63 3.83 -24.23 12.33
CA ARG B 63 4.11 -25.40 11.49
C ARG B 63 3.71 -25.18 10.03
N PHE B 64 4.63 -25.44 9.09
CA PHE B 64 4.35 -25.30 7.67
C PHE B 64 5.19 -26.23 6.80
N SER B 65 4.72 -26.49 5.59
CA SER B 65 5.39 -27.25 4.54
C SER B 65 5.88 -26.24 3.48
N ALA B 66 6.74 -26.68 2.54
CA ALA B 66 7.27 -25.89 1.41
C ALA B 66 8.03 -26.81 0.45
N GLU B 67 8.13 -26.42 -0.85
CA GLU B 67 8.83 -27.18 -1.89
C GLU B 67 9.17 -26.33 -3.10
N CYS B 68 10.35 -26.55 -3.64
CA CYS B 68 10.82 -25.87 -4.86
C CYS B 68 11.17 -26.96 -5.88
N PRO B 69 10.15 -27.63 -6.47
CA PRO B 69 10.45 -28.74 -7.38
C PRO B 69 11.07 -28.32 -8.70
N SER B 70 11.63 -29.26 -9.50
CA SER B 70 12.49 -28.91 -10.67
C SER B 70 12.01 -28.03 -11.86
N ASN B 71 10.86 -28.28 -12.48
CA ASN B 71 10.33 -27.31 -13.42
C ASN B 71 8.88 -27.01 -13.00
N SER B 72 8.72 -26.85 -11.67
CA SER B 72 7.46 -26.57 -10.99
C SER B 72 7.67 -25.36 -10.06
N PRO B 73 6.71 -24.40 -10.01
CA PRO B 73 6.89 -23.22 -9.15
C PRO B 73 7.03 -23.54 -7.67
N CYS B 74 7.81 -22.70 -6.95
CA CYS B 74 8.02 -22.82 -5.50
C CYS B 74 6.72 -22.62 -4.76
N SER B 75 6.58 -23.27 -3.60
CA SER B 75 5.35 -23.15 -2.83
C SER B 75 5.57 -23.19 -1.34
N LEU B 76 4.69 -22.51 -0.60
CA LEU B 76 4.70 -22.46 0.84
C LEU B 76 3.30 -22.85 1.28
N GLU B 77 3.22 -23.72 2.28
CA GLU B 77 1.96 -24.25 2.71
C GLU B 77 1.80 -24.34 4.20
N ILE B 78 0.87 -23.58 4.73
CA ILE B 78 0.55 -23.73 6.15
C ILE B 78 -0.69 -24.66 6.15
N GLN B 79 -0.66 -25.75 6.94
CA GLN B 79 -1.76 -26.74 6.90
C GLN B 79 -2.87 -26.49 7.90
N SER B 80 -2.54 -25.87 9.04
CA SER B 80 -3.51 -25.51 10.07
C SER B 80 -3.44 -24.01 10.35
N SER B 81 -4.45 -23.26 9.87
CA SER B 81 -4.55 -21.81 9.99
C SER B 81 -4.77 -21.27 11.39
N GLU B 82 -3.79 -20.50 11.83
CA GLU B 82 -3.80 -19.85 13.13
C GLU B 82 -3.83 -18.35 12.81
N ALA B 83 -4.76 -17.60 13.47
CA ALA B 83 -4.89 -16.14 13.31
C ALA B 83 -3.55 -15.42 13.61
N GLY B 84 -2.61 -16.14 14.22
CA GLY B 84 -1.27 -15.68 14.53
C GLY B 84 -0.38 -15.67 13.32
N ASP B 85 -0.80 -16.39 12.25
CA ASP B 85 -0.07 -16.46 10.99
C ASP B 85 -0.67 -15.57 9.86
N SER B 86 -1.59 -14.65 10.22
CA SER B 86 -2.16 -13.64 9.32
C SER B 86 -1.01 -12.65 9.07
N ALA B 87 -0.44 -12.68 7.86
CA ALA B 87 0.71 -11.83 7.55
C ALA B 87 0.94 -11.70 6.07
N LEU B 88 1.92 -10.86 5.70
CA LEU B 88 2.40 -10.72 4.34
C LEU B 88 3.63 -11.64 4.26
N TYR B 89 3.58 -12.60 3.33
CA TYR B 89 4.63 -13.57 3.12
C TYR B 89 5.37 -13.24 1.84
N LEU B 90 6.67 -12.97 1.98
CA LEU B 90 7.54 -12.61 0.88
C LEU B 90 8.40 -13.75 0.43
N CYS B 91 8.56 -13.82 -0.88
CA CYS B 91 9.39 -14.79 -1.57
C CYS B 91 10.48 -13.99 -2.26
N ALA B 92 11.72 -14.47 -2.15
CA ALA B 92 12.88 -13.81 -2.73
C ALA B 92 13.75 -14.80 -3.46
N SER B 93 14.39 -14.38 -4.54
CA SER B 93 15.27 -15.27 -5.28
C SER B 93 16.65 -14.67 -5.51
N SER B 94 17.65 -15.51 -5.52
CA SER B 94 18.98 -15.05 -5.76
C SER B 94 19.74 -16.08 -6.53
N PRO B 95 20.59 -15.60 -7.37
CA PRO B 95 21.44 -16.34 -8.24
C PRO B 95 22.31 -17.35 -7.60
N GLY B 96 22.45 -17.30 -6.33
CA GLY B 96 23.21 -18.24 -5.60
C GLY B 96 24.41 -17.62 -5.06
N GLN B 97 24.96 -16.71 -5.85
CA GLN B 97 26.13 -15.93 -5.52
C GLN B 97 25.92 -14.99 -4.37
N GLY B 98 24.75 -14.40 -4.30
CA GLY B 98 24.50 -13.45 -3.26
C GLY B 98 24.03 -12.05 -3.64
N ALA B 99 24.84 -10.99 -3.56
CA ALA B 99 26.16 -10.91 -3.00
C ALA B 99 25.99 -11.30 -1.58
N ALA B 100 25.24 -10.54 -0.82
CA ALA B 100 24.65 -11.31 0.22
C ALA B 100 23.18 -11.31 -0.01
N THR B 101 22.69 -10.11 -0.27
CA THR B 101 21.33 -9.82 -0.58
C THR B 101 21.46 -9.12 -1.89
N GLY B 102 22.67 -8.93 -2.33
CA GLY B 102 22.80 -8.13 -3.51
C GLY B 102 21.96 -8.65 -4.64
N GLN B 103 21.91 -9.96 -4.78
CA GLN B 103 21.12 -10.57 -5.82
C GLN B 103 19.79 -11.06 -5.31
N LEU B 104 19.36 -10.55 -4.16
CA LEU B 104 18.05 -10.90 -3.62
C LEU B 104 17.01 -10.02 -4.28
N TYR B 105 16.14 -10.65 -5.04
CA TYR B 105 15.03 -9.98 -5.73
C TYR B 105 13.76 -10.46 -5.09
N PHE B 106 12.93 -9.52 -4.62
CA PHE B 106 11.69 -9.79 -3.87
C PHE B 106 10.44 -9.77 -4.71
N GLY B 107 9.45 -10.54 -4.26
CA GLY B 107 8.13 -10.61 -4.87
C GLY B 107 7.23 -9.57 -4.24
N GLU B 108 6.00 -9.46 -4.75
CA GLU B 108 5.01 -8.50 -4.25
C GLU B 108 4.34 -8.96 -2.92
N GLY B 109 4.48 -10.24 -2.58
CA GLY B 109 3.91 -10.80 -1.36
C GLY B 109 2.56 -11.45 -1.50
N SER B 110 2.10 -12.04 -0.41
CA SER B 110 0.81 -12.70 -0.29
C SER B 110 0.29 -12.34 1.10
N LYS B 111 -0.75 -11.51 1.15
CA LYS B 111 -1.36 -11.08 2.40
C LYS B 111 -2.41 -12.10 2.75
N LEU B 112 -2.05 -12.98 3.69
CA LEU B 112 -2.98 -13.99 4.17
C LEU B 112 -3.73 -13.48 5.39
N THR B 113 -5.07 -13.65 5.40
CA THR B 113 -5.93 -13.31 6.53
C THR B 113 -6.69 -14.57 6.97
N VAL B 114 -6.43 -15.00 8.23
CA VAL B 114 -7.09 -16.16 8.84
C VAL B 114 -8.15 -15.70 9.81
N LEU B 115 -9.39 -16.16 9.58
CA LEU B 115 -10.56 -15.76 10.36
C LEU B 115 -11.19 -16.95 11.11
N GLU B 116 -11.72 -16.69 12.32
CA GLU B 116 -12.44 -17.72 13.10
C GLU B 116 -13.83 -17.92 12.47
N ASP B 117 -14.48 -16.80 12.07
CA ASP B 117 -15.79 -16.86 11.42
C ASP B 117 -15.80 -16.22 10.01
N LEU B 118 -15.84 -17.09 8.98
CA LEU B 118 -15.90 -16.68 7.58
C LEU B 118 -17.21 -16.00 7.23
N ARG B 119 -18.18 -16.00 8.17
CA ARG B 119 -19.48 -15.35 7.97
C ARG B 119 -19.36 -13.83 8.16
N ASN B 120 -18.11 -13.35 8.39
CA ASN B 120 -17.73 -11.93 8.52
C ASN B 120 -17.24 -11.38 7.17
N VAL B 121 -16.81 -12.28 6.27
CA VAL B 121 -16.33 -11.96 4.93
C VAL B 121 -17.50 -11.34 4.18
N PHE B 122 -17.28 -10.14 3.63
CA PHE B 122 -18.29 -9.36 2.91
C PHE B 122 -17.67 -8.65 1.69
N PRO B 123 -18.34 -8.71 0.52
CA PRO B 123 -17.82 -8.01 -0.65
C PRO B 123 -18.13 -6.50 -0.58
N PRO B 124 -17.44 -5.65 -1.36
CA PRO B 124 -17.78 -4.21 -1.31
C PRO B 124 -19.03 -3.83 -2.07
N GLU B 125 -19.60 -2.69 -1.68
CA GLU B 125 -20.63 -2.02 -2.45
C GLU B 125 -19.83 -0.88 -3.13
N VAL B 126 -20.04 -0.65 -4.42
CA VAL B 126 -19.31 0.38 -5.18
C VAL B 126 -20.26 1.47 -5.70
N ALA B 127 -19.93 2.73 -5.48
CA ALA B 127 -20.69 3.87 -6.03
C ALA B 127 -19.72 4.89 -6.66
N VAL B 128 -20.22 5.69 -7.59
CA VAL B 128 -19.50 6.77 -8.26
C VAL B 128 -20.29 8.06 -8.07
N PHE B 129 -19.60 9.09 -7.62
CA PHE B 129 -20.21 10.38 -7.36
C PHE B 129 -19.66 11.33 -8.39
N GLU B 130 -20.56 11.98 -9.09
CA GLU B 130 -20.22 12.89 -10.18
C GLU B 130 -19.67 14.21 -9.66
N PRO B 131 -18.77 14.86 -10.43
CA PRO B 131 -18.18 16.11 -9.93
C PRO B 131 -19.18 17.22 -9.68
N SER B 132 -18.78 18.13 -8.82
CA SER B 132 -19.51 19.27 -8.37
C SER B 132 -19.47 20.35 -9.45
N GLU B 133 -20.66 20.90 -9.80
CA GLU B 133 -20.78 22.02 -10.75
C GLU B 133 -20.02 23.23 -10.18
N ALA B 134 -20.06 23.40 -8.82
CA ALA B 134 -19.33 24.46 -8.11
C ALA B 134 -17.83 24.30 -8.27
N GLU B 135 -17.31 23.06 -8.29
CA GLU B 135 -15.90 22.77 -8.52
C GLU B 135 -15.50 23.12 -9.96
N ILE B 136 -16.30 22.73 -10.94
CA ILE B 136 -16.05 23.01 -12.35
C ILE B 136 -16.03 24.51 -12.61
N SER B 137 -17.06 25.24 -12.13
CA SER B 137 -17.15 26.68 -12.34
C SER B 137 -15.97 27.45 -11.67
N HIS B 138 -15.55 27.00 -10.48
CA HIS B 138 -14.46 27.59 -9.71
C HIS B 138 -13.05 27.35 -10.26
N THR B 139 -12.77 26.15 -10.80
CA THR B 139 -11.41 25.77 -11.21
C THR B 139 -11.24 25.12 -12.58
N GLN B 140 -12.36 24.88 -13.29
CA GLN B 140 -12.40 24.23 -14.60
C GLN B 140 -11.85 22.80 -14.61
N LYS B 141 -11.85 22.17 -13.41
CA LYS B 141 -11.52 20.78 -13.19
C LYS B 141 -12.74 20.10 -12.61
N ALA B 142 -12.83 18.80 -12.83
CA ALA B 142 -13.92 17.95 -12.40
C ALA B 142 -13.33 16.70 -11.74
N THR B 143 -13.75 16.41 -10.51
CA THR B 143 -13.25 15.26 -9.76
C THR B 143 -14.36 14.27 -9.58
N LEU B 144 -14.12 13.00 -9.91
CA LEU B 144 -15.08 11.93 -9.68
C LEU B 144 -14.61 11.17 -8.45
N VAL B 145 -15.56 10.80 -7.61
CA VAL B 145 -15.23 10.04 -6.41
C VAL B 145 -15.84 8.67 -6.55
N CYS B 146 -15.06 7.65 -6.15
CA CYS B 146 -15.49 6.27 -6.09
C CYS B 146 -15.44 5.82 -4.62
N LEU B 147 -16.53 5.23 -4.15
CA LEU B 147 -16.65 4.75 -2.79
C LEU B 147 -16.92 3.24 -2.75
N ALA B 148 -15.96 2.46 -2.23
CA ALA B 148 -16.11 1.02 -1.98
C ALA B 148 -16.33 0.93 -0.47
N THR B 149 -17.56 0.64 -0.08
CA THR B 149 -17.94 0.52 1.30
C THR B 149 -18.37 -0.90 1.69
N GLY B 150 -18.29 -1.13 3.00
CA GLY B 150 -18.71 -2.32 3.72
C GLY B 150 -18.12 -3.63 3.30
N PHE B 151 -16.82 -3.68 3.05
CA PHE B 151 -16.16 -4.92 2.69
C PHE B 151 -15.33 -5.42 3.85
N TYR B 152 -15.01 -6.72 3.83
CA TYR B 152 -14.24 -7.36 4.89
C TYR B 152 -13.76 -8.72 4.39
N PRO B 153 -12.47 -9.08 4.53
CA PRO B 153 -11.34 -8.28 5.03
C PRO B 153 -10.92 -7.15 4.06
N ASP B 154 -9.92 -6.39 4.48
CA ASP B 154 -9.38 -5.29 3.70
C ASP B 154 -8.38 -5.80 2.66
N HIS B 155 -8.93 -6.59 1.74
CA HIS B 155 -8.28 -7.14 0.54
C HIS B 155 -8.94 -6.66 -0.77
N VAL B 156 -8.69 -5.39 -1.17
CA VAL B 156 -9.24 -4.81 -2.40
C VAL B 156 -8.18 -4.17 -3.32
N GLU B 157 -8.51 -4.05 -4.60
CA GLU B 157 -7.72 -3.42 -5.64
C GLU B 157 -8.70 -2.60 -6.45
N LEU B 158 -8.61 -1.27 -6.32
CA LEU B 158 -9.47 -0.32 -6.99
C LEU B 158 -8.77 0.24 -8.23
N SER B 159 -9.52 0.37 -9.35
CA SER B 159 -8.95 0.88 -10.62
C SER B 159 -9.94 1.69 -11.38
N TRP B 160 -9.49 2.65 -12.15
CA TRP B 160 -10.35 3.53 -12.97
C TRP B 160 -10.20 3.17 -14.44
N TRP B 161 -11.31 3.29 -15.18
CA TRP B 161 -11.51 2.98 -16.61
C TRP B 161 -12.25 4.11 -17.35
N VAL B 162 -11.58 4.74 -18.31
CA VAL B 162 -12.18 5.81 -19.13
C VAL B 162 -12.26 5.36 -20.58
N ASN B 163 -13.50 5.19 -21.06
CA ASN B 163 -13.81 4.72 -22.40
C ASN B 163 -13.16 3.35 -22.62
N GLY B 164 -13.32 2.48 -21.61
CA GLY B 164 -12.84 1.09 -21.63
C GLY B 164 -11.35 0.86 -21.42
N LYS B 165 -10.56 1.95 -21.36
CA LYS B 165 -9.12 1.90 -21.11
C LYS B 165 -8.81 2.33 -19.66
N GLU B 166 -7.95 1.55 -18.99
CA GLU B 166 -7.51 1.77 -17.61
C GLU B 166 -6.66 3.02 -17.59
N VAL B 167 -6.89 3.88 -16.58
CA VAL B 167 -6.20 5.16 -16.48
C VAL B 167 -5.42 5.32 -15.21
N HIS B 168 -4.29 6.03 -15.29
CA HIS B 168 -3.41 6.29 -14.15
C HIS B 168 -3.23 7.78 -13.88
N SER B 169 -3.24 8.62 -14.93
CA SER B 169 -3.12 10.06 -14.72
C SER B 169 -4.39 10.65 -14.04
N GLY B 170 -4.18 11.46 -13.03
CA GLY B 170 -5.27 12.10 -12.32
C GLY B 170 -5.95 11.29 -11.24
N VAL B 171 -5.45 10.08 -10.95
CA VAL B 171 -5.99 9.13 -9.97
C VAL B 171 -5.28 9.21 -8.61
N CYS B 172 -6.05 9.14 -7.54
CA CYS B 172 -5.55 9.05 -6.17
C CYS B 172 -6.43 8.14 -5.37
N THR B 173 -5.84 7.10 -4.85
CA THR B 173 -6.53 6.12 -4.05
C THR B 173 -5.95 6.17 -2.68
N ASP B 174 -6.81 6.23 -1.66
CA ASP B 174 -6.42 6.25 -0.25
C ASP B 174 -5.38 5.17 0.00
N PRO B 175 -4.18 5.52 0.52
CA PRO B 175 -3.16 4.45 0.77
C PRO B 175 -3.69 3.28 1.63
N GLN B 176 -4.64 3.56 2.53
CA GLN B 176 -5.22 2.52 3.38
C GLN B 176 -6.70 2.72 3.64
N PRO B 177 -7.46 1.60 3.89
CA PRO B 177 -8.90 1.74 4.10
C PRO B 177 -9.22 2.36 5.44
N LEU B 178 -10.48 2.68 5.63
CA LEU B 178 -11.07 3.26 6.80
C LEU B 178 -11.98 2.19 7.40
N LYS B 179 -11.87 1.97 8.71
CA LYS B 179 -12.78 1.08 9.43
C LYS B 179 -14.10 1.88 9.51
N GLU B 180 -15.20 1.32 8.96
CA GLU B 180 -16.51 1.95 9.06
C GLU B 180 -16.79 2.24 10.56
N GLN B 181 -16.59 1.23 11.44
CA GLN B 181 -16.76 1.38 12.89
C GLN B 181 -15.39 1.19 13.61
N PRO B 182 -14.62 2.27 13.82
CA PRO B 182 -13.27 2.11 14.42
C PRO B 182 -13.16 1.48 15.81
N ALA B 183 -14.21 1.63 16.65
CA ALA B 183 -14.30 1.07 18.02
C ALA B 183 -14.56 -0.47 18.03
N LEU B 184 -15.07 -1.03 16.91
CA LEU B 184 -15.28 -2.47 16.76
C LEU B 184 -13.94 -3.13 16.41
N ASN B 185 -13.85 -4.47 16.49
CA ASN B 185 -12.62 -5.22 16.22
C ASN B 185 -12.51 -5.61 14.76
N ASP B 186 -13.63 -6.12 14.20
CA ASP B 186 -13.65 -6.53 12.80
C ASP B 186 -14.78 -5.79 12.02
N SER B 187 -14.81 -4.46 12.18
CA SER B 187 -15.77 -3.65 11.45
C SER B 187 -15.46 -3.74 9.98
N ARG B 188 -16.48 -3.62 9.15
CA ARG B 188 -16.29 -3.63 7.70
C ARG B 188 -15.55 -2.36 7.23
N TYR B 189 -14.96 -2.41 6.03
CA TYR B 189 -14.11 -1.35 5.50
C TYR B 189 -14.66 -0.48 4.42
N ALA B 190 -14.07 0.70 4.28
CA ALA B 190 -14.41 1.65 3.24
C ALA B 190 -13.15 2.15 2.57
N LEU B 191 -13.22 2.30 1.24
CA LEU B 191 -12.11 2.82 0.46
C LEU B 191 -12.67 3.89 -0.51
N SER B 192 -11.97 5.02 -0.64
CA SER B 192 -12.32 6.09 -1.58
C SER B 192 -11.16 6.31 -2.55
N SER B 193 -11.51 6.78 -3.74
CA SER B 193 -10.61 7.07 -4.85
C SER B 193 -11.19 8.24 -5.59
N ARG B 194 -10.32 9.06 -6.13
CA ARG B 194 -10.69 10.20 -6.93
C ARG B 194 -9.96 10.10 -8.27
N LEU B 195 -10.60 10.64 -9.32
CA LEU B 195 -10.06 10.80 -10.67
C LEU B 195 -10.46 12.22 -11.06
N ARG B 196 -9.44 13.07 -11.22
CA ARG B 196 -9.65 14.45 -11.60
C ARG B 196 -9.32 14.54 -13.07
N VAL B 197 -10.28 15.02 -13.84
CA VAL B 197 -10.18 15.23 -15.29
C VAL B 197 -10.38 16.73 -15.56
N SER B 198 -10.40 17.13 -16.84
CA SER B 198 -10.66 18.55 -17.10
C SER B 198 -12.18 18.70 -17.20
N ALA B 199 -12.69 19.92 -16.97
CA ALA B 199 -14.12 20.19 -17.06
C ALA B 199 -14.71 19.82 -18.44
N THR B 200 -13.97 20.11 -19.53
CA THR B 200 -14.38 19.86 -20.91
C THR B 200 -14.48 18.39 -21.21
N PHE B 201 -13.54 17.61 -20.68
CA PHE B 201 -13.50 16.15 -20.75
C PHE B 201 -14.69 15.55 -20.01
N TRP B 202 -15.02 16.10 -18.82
CA TRP B 202 -16.21 15.65 -18.08
C TRP B 202 -17.47 16.04 -18.82
N GLN B 203 -17.52 17.29 -19.32
CA GLN B 203 -18.69 17.80 -20.01
C GLN B 203 -19.06 17.09 -21.32
N ASN B 204 -18.14 16.29 -21.88
CA ASN B 204 -18.45 15.55 -23.09
C ASN B 204 -19.25 14.29 -22.70
N PRO B 205 -20.55 14.18 -23.12
CA PRO B 205 -21.35 13.01 -22.74
C PRO B 205 -21.05 11.70 -23.46
N ARG B 206 -20.01 11.69 -24.30
CA ARG B 206 -19.57 10.52 -25.06
C ARG B 206 -18.53 9.74 -24.25
N ASN B 207 -18.04 10.38 -23.17
CA ASN B 207 -17.04 9.88 -22.25
C ASN B 207 -17.65 9.03 -21.16
N HIS B 208 -17.08 7.82 -20.96
CA HIS B 208 -17.55 6.85 -19.96
C HIS B 208 -16.53 6.69 -18.86
N PHE B 209 -16.99 6.76 -17.59
CA PHE B 209 -16.08 6.59 -16.43
C PHE B 209 -16.57 5.40 -15.64
N ARG B 210 -15.70 4.44 -15.39
CA ARG B 210 -16.03 3.22 -14.66
C ARG B 210 -15.02 3.03 -13.53
N CYS B 211 -15.49 2.76 -12.30
CA CYS B 211 -14.63 2.45 -11.16
C CYS B 211 -14.76 0.97 -10.92
N GLN B 212 -13.65 0.26 -10.94
CA GLN B 212 -13.64 -1.18 -10.78
C GLN B 212 -13.04 -1.63 -9.45
N VAL B 213 -13.78 -2.42 -8.68
CA VAL B 213 -13.22 -2.92 -7.41
C VAL B 213 -13.05 -4.44 -7.44
N GLN B 214 -11.83 -4.91 -7.37
CA GLN B 214 -11.54 -6.35 -7.33
C GLN B 214 -11.50 -6.82 -5.85
N PHE B 215 -12.52 -7.60 -5.45
CA PHE B 215 -12.59 -8.17 -4.12
C PHE B 215 -11.97 -9.56 -4.05
N TYR B 216 -11.17 -9.79 -3.02
CA TYR B 216 -10.52 -11.07 -2.76
C TYR B 216 -11.19 -11.78 -1.60
N GLY B 217 -11.90 -12.84 -1.93
CA GLY B 217 -12.66 -13.58 -0.94
C GLY B 217 -12.55 -15.07 -1.01
N LEU B 218 -13.70 -15.71 -0.82
CA LEU B 218 -13.91 -17.15 -0.73
C LEU B 218 -13.83 -17.85 -2.07
N SER B 219 -13.22 -19.05 -2.07
CA SER B 219 -13.05 -19.90 -3.27
C SER B 219 -14.33 -20.71 -3.50
N GLU B 220 -14.56 -21.18 -4.75
CA GLU B 220 -15.75 -22.00 -5.08
C GLU B 220 -15.70 -23.31 -4.29
N ASN B 221 -14.48 -23.87 -4.14
CA ASN B 221 -14.23 -25.06 -3.34
C ASN B 221 -14.15 -24.66 -1.85
N ASP B 222 -15.29 -24.14 -1.30
CA ASP B 222 -15.47 -23.75 0.10
C ASP B 222 -16.94 -23.75 0.55
N GLU B 223 -17.16 -24.13 1.81
CA GLU B 223 -18.44 -24.30 2.47
C GLU B 223 -19.26 -23.03 2.77
N TRP B 224 -20.39 -22.86 2.05
CA TRP B 224 -21.29 -21.73 2.28
C TRP B 224 -22.73 -22.22 2.32
N THR B 225 -23.40 -21.99 3.47
CA THR B 225 -24.78 -22.39 3.73
C THR B 225 -25.69 -21.21 4.04
N GLN B 226 -25.09 -20.06 4.38
CA GLN B 226 -25.80 -18.84 4.78
C GLN B 226 -26.84 -18.32 3.79
N ASP B 227 -27.72 -17.48 4.33
CA ASP B 227 -28.83 -16.75 3.71
C ASP B 227 -28.37 -15.91 2.50
N ARG B 228 -27.45 -14.95 2.74
CA ARG B 228 -26.86 -14.06 1.74
C ARG B 228 -25.97 -14.83 0.76
N ALA B 229 -25.70 -14.21 -0.39
CA ALA B 229 -24.88 -14.73 -1.48
C ALA B 229 -23.43 -14.91 -1.02
N LYS B 230 -22.82 -16.03 -1.44
CA LYS B 230 -21.45 -16.45 -1.12
C LYS B 230 -20.43 -15.36 -1.48
N PRO B 231 -19.73 -14.78 -0.47
CA PRO B 231 -18.78 -13.69 -0.74
C PRO B 231 -17.49 -14.13 -1.45
N VAL B 232 -17.65 -14.55 -2.72
CA VAL B 232 -16.55 -15.03 -3.59
C VAL B 232 -15.66 -13.91 -4.11
N THR B 233 -14.53 -14.29 -4.71
CA THR B 233 -13.64 -13.35 -5.35
C THR B 233 -14.38 -12.86 -6.57
N GLN B 234 -14.58 -11.56 -6.61
CA GLN B 234 -15.39 -10.95 -7.66
C GLN B 234 -14.96 -9.50 -8.00
N ILE B 235 -15.52 -8.98 -9.10
CA ILE B 235 -15.37 -7.61 -9.56
C ILE B 235 -16.74 -6.91 -9.41
N VAL B 236 -16.76 -5.80 -8.67
CA VAL B 236 -17.96 -4.97 -8.43
C VAL B 236 -17.63 -3.60 -9.07
N SER B 237 -18.56 -3.06 -9.84
CA SER B 237 -18.32 -1.85 -10.59
C SER B 237 -19.43 -0.83 -10.45
N ALA B 238 -19.06 0.44 -10.62
CA ALA B 238 -19.96 1.58 -10.68
C ALA B 238 -19.51 2.46 -11.86
N GLU B 239 -20.47 3.02 -12.62
CA GLU B 239 -20.19 3.87 -13.77
C GLU B 239 -20.92 5.21 -13.85
N ALA B 240 -20.45 6.10 -14.74
CA ALA B 240 -21.00 7.43 -14.99
C ALA B 240 -20.58 7.89 -16.36
N TRP B 241 -21.43 8.68 -17.02
CA TRP B 241 -21.18 9.29 -18.33
C TRP B 241 -20.93 10.79 -18.11
N GLY B 242 -20.23 11.42 -19.06
CA GLY B 242 -20.03 12.85 -19.06
C GLY B 242 -21.37 13.56 -19.11
N ARG B 243 -21.44 14.77 -18.53
CA ARG B 243 -22.66 15.56 -18.46
C ARG B 243 -22.41 16.97 -19.01
N ALA B 244 -23.09 17.33 -20.12
CA ALA B 244 -22.94 18.66 -20.72
C ALA B 244 -23.92 19.66 -20.10
#